data_4AIW
#
_entry.id   4AIW
#
_cell.length_a   44.088
_cell.length_b   64.872
_cell.length_c   103.059
_cell.angle_alpha   90.00
_cell.angle_beta   90.00
_cell.angle_gamma   90.00
#
_symmetry.space_group_name_H-M   'C 2 2 21'
#
loop_
_entity.id
_entity.type
_entity.pdbx_description
1 polymer 'GOLGI-ASSOCIATED PLANT PATHOGENESIS-RELATED PROTEIN 1'
2 non-polymer 'INOSITOL HEXAKISPHOSPHATE'
3 water water
#
_entity_poly.entity_id   1
_entity_poly.type   'polypeptide(L)'
_entity_poly.pdbx_seq_one_letter_code
;MGKSASKQFHNEVLKAHNEYRQKHGVPPLKL(OCS)KNLNREAQQYSEALASTRILKHSPESSRGQCGENLAWASYDQTG
KEVADRWYSEIKNYNFQQPGFTSGTGHFTAMVWKNTKKMGVGKASASDGSSFVVARYFPAGNVVNEGFFEENVLPPKK
;
_entity_poly.pdbx_strand_id   A
#
# COMPACT_ATOMS: atom_id res chain seq x y z
N SER A 4 20.41 8.15 -0.03
CA SER A 4 20.08 7.07 -1.03
C SER A 4 18.60 7.03 -1.48
N ALA A 5 18.41 6.71 -2.76
CA ALA A 5 17.09 6.85 -3.40
C ALA A 5 16.03 5.98 -2.67
N SER A 6 16.46 4.82 -2.17
CA SER A 6 15.57 3.91 -1.51
C SER A 6 15.07 4.45 -0.17
N LYS A 7 16.00 5.01 0.63
CA LYS A 7 15.63 5.68 1.91
C LYS A 7 14.63 6.80 1.68
N GLN A 8 14.84 7.57 0.61
CA GLN A 8 13.98 8.67 0.29
C GLN A 8 12.57 8.21 -0.03
N PHE A 9 12.48 7.19 -0.88
CA PHE A 9 11.20 6.63 -1.20
C PHE A 9 10.47 6.12 0.06
N HIS A 10 11.21 5.38 0.92
CA HIS A 10 10.63 4.96 2.21
C HIS A 10 10.06 6.10 3.02
N ASN A 11 10.81 7.19 3.17
CA ASN A 11 10.38 8.34 3.99
C ASN A 11 9.15 8.95 3.40
N GLU A 12 9.17 9.15 2.07
CA GLU A 12 8.02 9.82 1.45
C GLU A 12 6.75 8.97 1.55
N VAL A 13 6.85 7.67 1.28
CA VAL A 13 5.66 6.82 1.38
C VAL A 13 5.17 6.76 2.84
N LEU A 14 6.07 6.63 3.81
CA LEU A 14 5.58 6.52 5.21
C LEU A 14 4.93 7.81 5.71
N LYS A 15 5.56 8.95 5.40
CA LYS A 15 5.07 10.24 5.91
C LYS A 15 3.68 10.43 5.34
N ALA A 16 3.45 10.13 4.04
CA ALA A 16 2.12 10.34 3.50
C ALA A 16 1.08 9.40 4.12
N HIS A 17 1.43 8.11 4.27
CA HIS A 17 0.55 7.16 5.00
C HIS A 17 0.15 7.72 6.37
N ASN A 18 1.13 8.21 7.11
CA ASN A 18 0.79 8.67 8.45
C ASN A 18 0.02 9.99 8.53
N GLU A 19 0.20 10.85 7.54
CA GLU A 19 -0.66 12.07 7.52
C GLU A 19 -2.10 11.67 7.30
N TYR A 20 -2.32 10.73 6.37
CA TYR A 20 -3.67 10.29 6.12
C TYR A 20 -4.24 9.48 7.30
N ARG A 21 -3.43 8.66 7.96
CA ARG A 21 -3.97 7.92 9.12
C ARG A 21 -4.34 8.86 10.26
N GLN A 22 -3.57 9.93 10.48
CA GLN A 22 -3.96 10.88 11.50
C GLN A 22 -5.33 11.54 11.15
N LYS A 23 -5.57 11.81 9.85
CA LYS A 23 -6.91 12.32 9.39
C LYS A 23 -8.08 11.39 9.72
N HIS A 24 -7.78 10.10 9.82
CA HIS A 24 -8.79 9.08 10.04
C HIS A 24 -8.78 8.63 11.51
N GLY A 25 -7.98 9.30 12.37
CA GLY A 25 -7.98 8.98 13.82
C GLY A 25 -7.57 7.57 14.16
N VAL A 26 -6.63 7.05 13.36
CA VAL A 26 -6.00 5.76 13.73
C VAL A 26 -4.49 5.97 13.99
N PRO A 27 -3.82 5.04 14.69
CA PRO A 27 -2.40 5.28 15.07
C PRO A 27 -1.45 5.21 13.84
N PRO A 28 -0.27 5.84 13.96
CA PRO A 28 0.73 5.82 12.86
C PRO A 28 1.17 4.39 12.58
N LEU A 29 1.65 4.16 11.36
CA LEU A 29 2.48 2.96 11.00
C LEU A 29 3.95 3.25 11.30
N LYS A 30 4.69 2.17 11.51
CA LYS A 30 6.17 2.25 11.53
C LYS A 30 6.66 1.42 10.38
N LEU A 31 7.74 1.86 9.76
CA LEU A 31 8.45 1.00 8.79
C LEU A 31 9.14 -0.13 9.50
N LYS A 33 12.12 -3.14 8.69
CA LYS A 33 13.23 -3.59 7.84
C LYS A 33 12.92 -4.85 7.04
N ASN A 34 12.27 -5.79 7.70
CA ASN A 34 12.00 -7.06 7.00
C ASN A 34 10.91 -6.91 5.92
N LEU A 35 9.85 -6.18 6.23
CA LEU A 35 8.88 -5.91 5.21
C LEU A 35 9.45 -5.05 4.06
N ASN A 36 10.35 -4.10 4.37
CA ASN A 36 10.99 -3.33 3.29
C ASN A 36 11.78 -4.29 2.36
N ARG A 37 12.54 -5.20 2.97
CA ARG A 37 13.38 -6.09 2.16
C ARG A 37 12.52 -7.03 1.30
N GLU A 38 11.47 -7.59 1.89
CA GLU A 38 10.57 -8.48 1.13
C GLU A 38 9.80 -7.75 0.04
N ALA A 39 9.31 -6.56 0.36
CA ALA A 39 8.60 -5.73 -0.65
C ALA A 39 9.57 -5.37 -1.82
N GLN A 40 10.81 -5.00 -1.50
CA GLN A 40 11.77 -4.68 -2.56
C GLN A 40 12.10 -5.88 -3.43
N GLN A 41 12.27 -7.06 -2.81
CA GLN A 41 12.50 -8.28 -3.59
C GLN A 41 11.34 -8.52 -4.53
N TYR A 42 10.12 -8.37 -4.05
CA TYR A 42 8.98 -8.65 -4.90
C TYR A 42 8.93 -7.61 -6.03
N SER A 43 9.20 -6.35 -5.72
CA SER A 43 9.17 -5.31 -6.79
CA SER A 43 9.16 -5.31 -6.77
C SER A 43 10.15 -5.63 -7.92
N GLU A 44 11.31 -6.19 -7.58
CA GLU A 44 12.30 -6.55 -8.60
C GLU A 44 11.80 -7.70 -9.42
N ALA A 45 11.08 -8.64 -8.79
CA ALA A 45 10.51 -9.76 -9.57
C ALA A 45 9.43 -9.24 -10.54
N LEU A 46 8.55 -8.38 -10.06
CA LEU A 46 7.53 -7.78 -10.94
C LEU A 46 8.18 -6.96 -12.07
N ALA A 47 9.24 -6.19 -11.77
CA ALA A 47 9.76 -5.33 -12.84
C ALA A 47 10.48 -6.15 -13.88
N SER A 48 11.05 -7.32 -13.49
CA SER A 48 11.77 -8.10 -14.48
CA SER A 48 11.76 -8.14 -14.47
C SER A 48 10.90 -8.67 -15.60
N THR A 49 9.68 -8.99 -15.27
CA THR A 49 8.74 -9.60 -16.21
C THR A 49 7.80 -8.56 -16.76
N ARG A 50 7.77 -7.39 -16.08
CA ARG A 50 6.74 -6.35 -16.35
C ARG A 50 5.31 -6.84 -16.04
N ILE A 51 5.18 -7.83 -15.17
CA ILE A 51 3.89 -8.36 -14.76
C ILE A 51 3.40 -7.66 -13.48
N LEU A 52 2.09 -7.54 -13.34
CA LEU A 52 1.52 -7.01 -12.10
C LEU A 52 0.52 -8.03 -11.61
N LYS A 53 0.85 -8.63 -10.49
CA LYS A 53 -0.05 -9.55 -9.77
C LYS A 53 0.37 -9.68 -8.31
N HIS A 54 -0.59 -10.04 -7.45
CA HIS A 54 -0.29 -10.18 -6.05
C HIS A 54 0.61 -11.40 -5.74
N SER A 55 1.39 -11.21 -4.68
CA SER A 55 2.29 -12.26 -4.17
C SER A 55 1.56 -13.42 -3.46
N PRO A 56 2.23 -14.59 -3.29
CA PRO A 56 1.68 -15.64 -2.42
C PRO A 56 1.43 -15.25 -0.98
N GLU A 57 2.30 -14.40 -0.45
CA GLU A 57 2.15 -13.89 0.91
C GLU A 57 0.83 -13.17 1.02
N SER A 58 0.49 -12.28 0.07
CA SER A 58 -0.76 -11.52 0.06
CA SER A 58 -0.76 -11.54 0.19
C SER A 58 -1.94 -12.49 -0.03
N SER A 59 -1.84 -13.49 -0.90
CA SER A 59 -2.98 -14.38 -1.18
C SER A 59 -3.28 -15.35 -0.05
N ARG A 60 -2.37 -15.52 0.90
CA ARG A 60 -2.66 -16.34 2.12
C ARG A 60 -2.92 -15.52 3.39
N GLY A 61 -2.87 -14.21 3.26
CA GLY A 61 -3.12 -13.32 4.37
C GLY A 61 -1.96 -13.12 5.32
N GLN A 62 -0.77 -13.51 4.88
CA GLN A 62 0.43 -13.32 5.75
C GLN A 62 0.76 -11.81 5.90
N CYS A 63 0.48 -11.04 4.83
CA CYS A 63 0.60 -9.57 4.89
C CYS A 63 -0.48 -9.02 3.97
N GLY A 64 -0.82 -7.77 4.19
CA GLY A 64 -1.57 -6.98 3.22
C GLY A 64 -0.56 -6.48 2.14
N GLU A 65 -1.08 -6.12 0.97
CA GLU A 65 -0.25 -5.68 -0.13
C GLU A 65 -0.98 -4.71 -1.04
N ASN A 66 -0.30 -3.60 -1.34
CA ASN A 66 -0.75 -2.65 -2.35
C ASN A 66 0.31 -2.58 -3.44
N LEU A 67 -0.17 -2.57 -4.69
CA LEU A 67 0.72 -2.51 -5.87
C LEU A 67 0.45 -1.19 -6.61
N ALA A 68 1.50 -0.61 -7.22
CA ALA A 68 1.30 0.57 -8.11
C ALA A 68 2.25 0.46 -9.25
N TRP A 69 1.86 1.08 -10.35
CA TRP A 69 2.64 1.08 -11.62
C TRP A 69 2.61 2.49 -12.20
N ALA A 70 3.70 2.80 -12.89
CA ALA A 70 3.72 4.00 -13.79
C ALA A 70 4.73 3.78 -14.90
N SER A 71 4.64 4.59 -15.97
CA SER A 71 5.66 4.51 -17.05
CA SER A 71 5.63 4.52 -17.04
C SER A 71 6.96 5.20 -16.67
N TYR A 72 7.02 5.78 -15.49
CA TYR A 72 8.15 6.61 -15.04
C TYR A 72 8.45 6.27 -13.60
N ASP A 73 9.59 6.73 -13.08
CA ASP A 73 9.97 6.52 -11.69
C ASP A 73 9.13 7.37 -10.73
N GLN A 74 8.26 6.72 -9.98
CA GLN A 74 7.22 7.40 -9.18
C GLN A 74 7.75 7.87 -7.83
N THR A 75 7.37 9.05 -7.41
CA THR A 75 7.67 9.47 -6.02
C THR A 75 6.80 8.82 -4.97
N GLY A 76 7.28 8.78 -3.71
CA GLY A 76 6.51 8.19 -2.62
C GLY A 76 5.21 8.93 -2.37
N LYS A 77 5.24 10.26 -2.47
CA LYS A 77 4.06 11.06 -2.26
C LYS A 77 3.03 10.73 -3.34
N GLU A 78 3.49 10.67 -4.60
CA GLU A 78 2.56 10.40 -5.70
C GLU A 78 1.87 9.02 -5.52
N VAL A 79 2.61 8.00 -5.11
CA VAL A 79 2.02 6.66 -4.92
C VAL A 79 1.02 6.69 -3.79
N ALA A 80 1.40 7.27 -2.62
CA ALA A 80 0.47 7.24 -1.49
C ALA A 80 -0.78 8.08 -1.80
N ASP A 81 -0.61 9.22 -2.48
CA ASP A 81 -1.79 10.08 -2.81
C ASP A 81 -2.71 9.37 -3.79
N ARG A 82 -2.16 8.64 -4.74
CA ARG A 82 -2.99 7.90 -5.71
C ARG A 82 -3.79 6.81 -4.98
N TRP A 83 -3.14 6.05 -4.12
CA TRP A 83 -3.89 5.04 -3.34
C TRP A 83 -4.97 5.66 -2.44
N TYR A 84 -4.67 6.75 -1.74
CA TYR A 84 -5.63 7.34 -0.83
C TYR A 84 -6.81 7.88 -1.62
N SER A 85 -6.57 8.41 -2.83
CA SER A 85 -7.65 9.07 -3.65
C SER A 85 -8.84 8.16 -3.90
N GLU A 86 -8.62 6.86 -3.77
CA GLU A 86 -9.73 5.85 -3.85
C GLU A 86 -10.84 6.10 -2.84
N ILE A 87 -10.57 6.88 -1.80
CA ILE A 87 -11.61 7.23 -0.83
C ILE A 87 -12.86 7.81 -1.56
N LYS A 88 -12.65 8.43 -2.71
CA LYS A 88 -13.82 9.03 -3.41
C LYS A 88 -14.85 7.99 -3.85
N ASN A 89 -14.44 6.73 -3.87
CA ASN A 89 -15.32 5.65 -4.24
C ASN A 89 -15.81 4.84 -3.08
N TYR A 90 -15.41 5.23 -1.87
CA TYR A 90 -15.75 4.45 -0.67
C TYR A 90 -17.02 5.01 0.01
N ASN A 91 -17.95 4.11 0.33
CA ASN A 91 -19.23 4.48 0.95
C ASN A 91 -19.18 4.08 2.41
N PHE A 92 -18.93 5.03 3.30
CA PHE A 92 -18.84 4.75 4.75
C PHE A 92 -20.13 4.23 5.38
N GLN A 93 -21.26 4.35 4.68
CA GLN A 93 -22.55 3.78 5.15
C GLN A 93 -22.79 2.36 4.59
N GLN A 94 -21.89 1.90 3.70
CA GLN A 94 -21.89 0.53 3.15
C GLN A 94 -20.46 -0.05 3.27
N PRO A 95 -20.00 -0.22 4.49
CA PRO A 95 -18.63 -0.72 4.70
C PRO A 95 -18.32 -2.11 4.07
N GLY A 96 -17.11 -2.24 3.51
CA GLY A 96 -16.64 -3.48 2.92
C GLY A 96 -15.64 -3.30 1.81
N PHE A 97 -15.14 -4.40 1.27
CA PHE A 97 -14.14 -4.35 0.19
C PHE A 97 -14.79 -4.00 -1.16
N THR A 98 -14.11 -3.16 -1.95
CA THR A 98 -14.28 -3.20 -3.44
C THR A 98 -12.91 -3.00 -4.07
N SER A 99 -12.75 -3.53 -5.28
CA SER A 99 -11.43 -3.36 -5.93
C SER A 99 -11.06 -1.86 -6.12
N GLY A 100 -12.10 -1.04 -6.27
CA GLY A 100 -11.90 0.37 -6.47
C GLY A 100 -11.50 1.14 -5.20
N THR A 101 -11.53 0.50 -4.04
CA THR A 101 -11.15 1.18 -2.82
C THR A 101 -10.11 0.44 -1.98
N GLY A 102 -9.57 -0.68 -2.48
CA GLY A 102 -8.79 -1.61 -1.67
C GLY A 102 -7.43 -1.02 -1.25
N HIS A 103 -6.83 -0.12 -2.03
CA HIS A 103 -5.54 0.48 -1.56
C HIS A 103 -5.78 1.48 -0.47
N PHE A 104 -6.83 2.25 -0.61
CA PHE A 104 -7.20 3.19 0.45
C PHE A 104 -7.52 2.50 1.78
N THR A 105 -8.33 1.46 1.73
CA THR A 105 -8.77 0.79 2.97
C THR A 105 -7.59 0.09 3.62
N ALA A 106 -6.63 -0.43 2.84
CA ALA A 106 -5.41 -1.00 3.48
C ALA A 106 -4.57 0.10 4.13
N MET A 107 -4.42 1.27 3.49
CA MET A 107 -3.59 2.35 4.07
CA MET A 107 -3.62 2.37 4.04
C MET A 107 -4.05 2.77 5.43
N VAL A 108 -5.37 2.90 5.62
CA VAL A 108 -5.93 3.48 6.86
C VAL A 108 -6.41 2.44 7.89
N TRP A 109 -6.19 1.15 7.55
CA TRP A 109 -6.78 0.05 8.39
C TRP A 109 -6.27 0.18 9.84
N LYS A 110 -7.20 0.27 10.77
CA LYS A 110 -6.83 0.64 12.17
C LYS A 110 -5.86 -0.34 12.79
N ASN A 111 -6.15 -1.63 12.62
CA ASN A 111 -5.35 -2.68 13.30
C ASN A 111 -3.95 -2.88 12.70
N THR A 112 -3.71 -2.33 11.51
CA THR A 112 -2.36 -2.48 10.90
C THR A 112 -1.37 -1.57 11.61
N LYS A 113 -0.19 -2.11 11.89
CA LYS A 113 0.83 -1.41 12.71
C LYS A 113 2.15 -1.12 12.01
N LYS A 114 2.52 -1.96 11.05
CA LYS A 114 3.83 -1.86 10.41
C LYS A 114 3.65 -1.95 8.87
N MET A 115 4.59 -1.38 8.15
CA MET A 115 4.62 -1.51 6.68
CA MET A 115 4.61 -1.42 6.68
C MET A 115 6.03 -1.55 6.16
N GLY A 116 6.13 -2.04 4.93
CA GLY A 116 7.40 -1.99 4.20
C GLY A 116 7.07 -1.58 2.81
N VAL A 117 8.06 -1.03 2.14
CA VAL A 117 7.84 -0.65 0.72
C VAL A 117 9.05 -0.85 -0.15
N GLY A 118 8.78 -1.15 -1.43
CA GLY A 118 9.88 -1.34 -2.40
C GLY A 118 9.45 -0.78 -3.73
N LYS A 119 10.46 -0.54 -4.58
CA LYS A 119 10.22 -0.05 -5.93
C LYS A 119 11.37 -0.51 -6.82
N ALA A 120 11.01 -0.89 -8.05
CA ALA A 120 12.01 -1.32 -9.04
C ALA A 120 11.65 -0.90 -10.42
N SER A 121 12.63 -0.45 -11.20
CA SER A 121 12.41 -0.19 -12.63
CA SER A 121 12.36 -0.18 -12.63
C SER A 121 12.52 -1.37 -13.58
N ALA A 122 11.70 -1.36 -14.63
CA ALA A 122 11.82 -2.37 -15.68
C ALA A 122 12.79 -1.90 -16.73
N SER A 123 13.03 -2.76 -17.71
CA SER A 123 13.96 -2.42 -18.82
C SER A 123 13.57 -1.21 -19.67
N ASP A 124 12.28 -0.88 -19.72
CA ASP A 124 11.80 0.27 -20.45
C ASP A 124 11.62 1.50 -19.58
N GLY A 125 12.08 1.48 -18.32
CA GLY A 125 11.95 2.66 -17.48
C GLY A 125 10.64 2.76 -16.67
N SER A 126 9.67 1.87 -16.98
CA SER A 126 8.49 1.81 -16.11
C SER A 126 8.85 1.38 -14.71
N SER A 127 7.95 1.63 -13.76
CA SER A 127 8.31 1.30 -12.38
CA SER A 127 8.23 1.49 -12.35
C SER A 127 7.19 0.63 -11.67
N PHE A 128 7.63 -0.29 -10.80
CA PHE A 128 6.74 -1.25 -10.11
C PHE A 128 6.94 -1.09 -8.63
N VAL A 129 5.85 -0.79 -7.92
CA VAL A 129 5.92 -0.46 -6.48
C VAL A 129 5.11 -1.49 -5.71
N VAL A 130 5.65 -1.95 -4.59
CA VAL A 130 4.98 -2.90 -3.68
C VAL A 130 5.02 -2.36 -2.25
N ALA A 131 3.84 -2.20 -1.62
CA ALA A 131 3.78 -1.96 -0.16
C ALA A 131 3.20 -3.17 0.54
N ARG A 132 3.78 -3.51 1.69
CA ARG A 132 3.31 -4.65 2.48
C ARG A 132 2.92 -4.16 3.87
N TYR A 133 1.86 -4.75 4.47
CA TYR A 133 1.20 -4.26 5.66
C TYR A 133 1.03 -5.37 6.67
N PHE A 134 1.28 -5.09 7.94
CA PHE A 134 1.12 -6.10 8.98
C PHE A 134 0.60 -5.49 10.29
N PRO A 135 -0.34 -6.12 10.98
CA PRO A 135 -1.14 -7.25 10.54
C PRO A 135 -1.88 -6.90 9.25
N ALA A 136 -2.22 -7.95 8.47
CA ALA A 136 -2.94 -7.77 7.20
C ALA A 136 -4.33 -7.14 7.45
N GLY A 137 -4.68 -6.19 6.59
CA GLY A 137 -6.01 -5.53 6.61
C GLY A 137 -6.86 -6.07 5.49
N ASN A 138 -7.91 -5.29 5.21
CA ASN A 138 -8.88 -5.65 4.17
C ASN A 138 -9.52 -7.00 4.42
N VAL A 139 -9.74 -7.29 5.71
CA VAL A 139 -10.38 -8.54 6.08
C VAL A 139 -11.92 -8.34 5.95
N VAL A 140 -12.58 -9.19 5.16
CA VAL A 140 -13.98 -8.92 4.81
C VAL A 140 -15.01 -9.52 5.75
N ASN A 141 -14.52 -10.26 6.77
CA ASN A 141 -15.41 -10.73 7.88
C ASN A 141 -16.38 -9.63 8.34
N GLU A 142 -17.63 -10.04 8.62
CA GLU A 142 -18.69 -9.12 8.92
C GLU A 142 -18.22 -8.20 10.03
N GLY A 143 -18.42 -6.91 9.80
CA GLY A 143 -18.06 -5.89 10.80
C GLY A 143 -16.65 -5.35 10.76
N PHE A 144 -15.73 -6.06 10.11
CA PHE A 144 -14.32 -5.68 10.30
C PHE A 144 -13.99 -4.35 9.59
N PHE A 145 -14.55 -4.14 8.41
CA PHE A 145 -14.29 -2.84 7.73
C PHE A 145 -14.87 -1.73 8.60
N GLU A 146 -16.06 -1.91 9.17
CA GLU A 146 -16.67 -0.83 9.95
C GLU A 146 -15.79 -0.50 11.18
N GLU A 147 -15.15 -1.51 11.78
CA GLU A 147 -14.26 -1.32 12.94
C GLU A 147 -12.92 -0.71 12.56
N ASN A 148 -12.46 -0.91 11.31
CA ASN A 148 -11.06 -0.58 10.95
C ASN A 148 -10.89 0.55 9.94
N VAL A 149 -11.96 0.89 9.19
CA VAL A 149 -11.86 1.95 8.15
C VAL A 149 -12.83 3.04 8.61
N LEU A 150 -12.25 4.08 9.22
CA LEU A 150 -13.04 5.11 9.92
C LEU A 150 -13.20 6.29 8.98
N PRO A 151 -14.29 7.07 9.14
CA PRO A 151 -14.38 8.29 8.32
C PRO A 151 -13.33 9.36 8.63
N PRO A 152 -13.01 10.24 7.67
CA PRO A 152 -12.02 11.30 7.89
C PRO A 152 -12.57 12.38 8.84
N LYS A 153 -11.71 12.97 9.68
CA LYS A 153 -12.12 14.08 10.58
C LYS A 153 -11.24 15.28 10.25
N LYS A 154 -11.80 16.49 10.26
CA LYS A 154 -10.93 17.65 10.08
C LYS A 154 -10.90 18.46 11.36
#